data_4D25
#
_entry.id   4D25
#
_cell.length_a   52.480
_cell.length_b   78.570
_cell.length_c   104.580
_cell.angle_alpha   90.00
_cell.angle_beta   90.00
_cell.angle_gamma   90.00
#
_symmetry.space_group_name_H-M   'P 21 21 21'
#
loop_
_entity.id
_entity.type
_entity.pdbx_description
1 polymer 'BMVLG PROTEIN'
2 polymer "5'-R(*UP*GP*AP*CP*AP*UP)-3'"
3 non-polymer 'PHOSPHOAMINOPHOSPHONIC ACID-ADENYLATE ESTER'
4 non-polymer 'MAGNESIUM ION'
5 non-polymer GLYCEROL
6 water water
#
loop_
_entity_poly.entity_id
_entity_poly.type
_entity_poly.pdbx_seq_one_letter_code
_entity_poly.pdbx_strand_id
1 'polypeptide(L)'
;GAMGVTYVPPEPTNDETEIFSSTISSGINFDKFDHIAVKVSGENPPRPIESFETANLRKYVLDNVLKAGYRKPTPIQKNA
IPIIMSGRDLMGCAQTGSGKTAAFLVPIINMLLQDPKDLISENGCAQPQVIIVSPTRELTLQIFNEARKFSYGSVLKVAV
AYGGTAVRHQGDNIARGCHILVATPGRLHDFVERNRVSFGSVRFVVLDQADCMLDMGFMPSIEKMMLHPTMVETTKRQTL
MFSATFPEDIQHLAGRFLNNYLFVAVGIVGGASTDVEQIFIEVTKYEKRNSLKQLIEENDGKRILVFVETKRNADFIAAM
LSEQQLLTSSIHGDRMQREREEALQNFKSGKHCILVATAVAARGLDIKNVDIVVNYDLPKSIDEYVHRIGRTGRVGNRGK
AVSFYDSDQDLALVADLSKILRQADQSVPDFLKG
;
A
2 'polyribonucleotide' UGACAU D
#
# COMPACT_ATOMS: atom_id res chain seq x y z
N TYR A 7 -15.75 -0.01 -18.93
CA TYR A 7 -14.68 -1.02 -18.66
C TYR A 7 -15.07 -1.94 -17.51
N VAL A 8 -15.19 -3.23 -17.81
CA VAL A 8 -15.43 -4.26 -16.80
C VAL A 8 -14.11 -5.02 -16.62
N PRO A 9 -13.47 -4.87 -15.45
CA PRO A 9 -12.18 -5.55 -15.27
C PRO A 9 -12.31 -7.07 -15.28
N PRO A 10 -11.23 -7.78 -15.63
CA PRO A 10 -11.28 -9.24 -15.56
C PRO A 10 -11.66 -9.67 -14.15
N GLU A 11 -12.56 -10.65 -14.04
CA GLU A 11 -13.09 -11.05 -12.75
C GLU A 11 -11.97 -11.51 -11.83
N PRO A 12 -12.14 -11.33 -10.50
CA PRO A 12 -11.10 -11.80 -9.59
C PRO A 12 -10.92 -13.30 -9.73
N THR A 13 -9.68 -13.76 -9.81
CA THR A 13 -9.41 -15.19 -9.98
C THR A 13 -9.94 -15.99 -8.79
N ASN A 14 -10.68 -17.06 -9.09
CA ASN A 14 -11.17 -18.00 -8.07
C ASN A 14 -10.28 -19.24 -7.95
N ASP A 15 -9.15 -19.25 -8.67
CA ASP A 15 -8.15 -20.30 -8.57
C ASP A 15 -7.41 -20.15 -7.24
N GLU A 16 -7.64 -21.09 -6.32
CA GLU A 16 -7.08 -21.00 -4.97
C GLU A 16 -5.56 -20.80 -4.95
N THR A 17 -4.87 -21.58 -5.79
CA THR A 17 -3.41 -21.47 -5.92
C THR A 17 -3.00 -20.07 -6.31
N GLU A 18 -3.67 -19.50 -7.30
CA GLU A 18 -3.39 -18.12 -7.74
C GLU A 18 -3.67 -17.10 -6.65
N ILE A 19 -4.75 -17.31 -5.90
CA ILE A 19 -5.12 -16.40 -4.81
C ILE A 19 -4.02 -16.33 -3.76
N PHE A 20 -3.50 -17.48 -3.37
CA PHE A 20 -2.43 -17.54 -2.36
C PHE A 20 -1.03 -17.32 -2.95
N SER A 21 -0.89 -17.43 -4.27
CA SER A 21 0.40 -17.18 -4.94
C SER A 21 0.76 -15.70 -4.98
N SER A 22 -0.26 -14.85 -4.87
CA SER A 22 -0.09 -13.40 -4.95
C SER A 22 0.67 -12.89 -3.72
N THR A 23 1.97 -13.13 -3.72
CA THR A 23 2.81 -12.76 -2.58
C THR A 23 4.30 -12.77 -2.94
N ILE A 24 5.09 -12.09 -2.13
CA ILE A 24 6.54 -12.10 -2.26
C ILE A 24 7.07 -13.04 -1.19
N SER A 25 7.73 -14.12 -1.60
CA SER A 25 8.34 -15.06 -0.67
C SER A 25 9.35 -14.31 0.21
N SER A 26 9.41 -14.67 1.49
CA SER A 26 10.29 -13.95 2.42
C SER A 26 11.76 -14.17 2.05
N GLY A 27 12.59 -13.18 2.36
CA GLY A 27 13.96 -13.14 1.88
C GLY A 27 14.99 -13.43 2.95
N ILE A 28 16.26 -13.29 2.57
CA ILE A 28 17.39 -13.62 3.43
C ILE A 28 17.39 -12.83 4.75
N ASN A 29 16.88 -11.59 4.72
CA ASN A 29 16.89 -10.73 5.89
C ASN A 29 15.57 -10.67 6.66
N PHE A 30 14.67 -11.60 6.39
CA PHE A 30 13.35 -11.59 7.05
C PHE A 30 13.48 -11.70 8.56
N ASP A 31 14.32 -12.63 9.02
CA ASP A 31 14.56 -12.80 10.46
C ASP A 31 15.20 -11.59 11.14
N LYS A 32 15.84 -10.71 10.36
CA LYS A 32 16.44 -9.49 10.89
C LYS A 32 15.39 -8.45 11.33
N PHE A 33 14.16 -8.58 10.83
CA PHE A 33 13.06 -7.72 11.29
C PHE A 33 12.96 -7.73 12.82
N ASP A 34 13.23 -8.89 13.43
CA ASP A 34 13.22 -9.08 14.89
C ASP A 34 14.01 -8.04 15.67
N HIS A 35 15.11 -7.55 15.09
CA HIS A 35 16.05 -6.69 15.81
C HIS A 35 15.69 -5.20 15.81
N ILE A 36 14.64 -4.83 15.08
CA ILE A 36 14.25 -3.42 14.98
C ILE A 36 13.53 -3.01 16.26
N ALA A 37 13.90 -1.85 16.79
CA ALA A 37 13.27 -1.31 17.99
C ALA A 37 11.84 -0.88 17.69
N VAL A 38 10.90 -1.37 18.51
CA VAL A 38 9.48 -1.01 18.37
C VAL A 38 9.11 -0.04 19.48
N LYS A 39 8.54 1.09 19.08
CA LYS A 39 7.97 2.06 20.01
C LYS A 39 6.47 1.82 20.10
N VAL A 40 5.95 1.73 21.32
CA VAL A 40 4.51 1.68 21.54
C VAL A 40 4.14 2.75 22.57
N SER A 41 3.19 3.62 22.22
CA SER A 41 2.68 4.61 23.17
C SER A 41 1.16 4.64 23.15
N GLY A 42 0.59 5.21 24.21
CA GLY A 42 -0.86 5.20 24.43
C GLY A 42 -1.22 4.37 25.65
N GLU A 43 -2.48 4.48 26.07
CA GLU A 43 -2.95 3.86 27.30
C GLU A 43 -3.07 2.33 27.20
N ASN A 44 -2.44 1.64 28.15
CA ASN A 44 -2.65 0.21 28.36
C ASN A 44 -2.56 -0.63 27.08
N PRO A 45 -1.38 -0.64 26.44
CA PRO A 45 -1.24 -1.45 25.23
C PRO A 45 -1.28 -2.96 25.54
N PRO A 46 -2.01 -3.74 24.74
CA PRO A 46 -1.92 -5.20 24.86
C PRO A 46 -0.51 -5.69 24.56
N ARG A 47 -0.14 -6.83 25.14
CA ARG A 47 1.18 -7.40 24.86
C ARG A 47 1.22 -7.98 23.45
N PRO A 48 2.38 -7.83 22.77
CA PRO A 48 2.47 -8.38 21.41
C PRO A 48 2.37 -9.91 21.39
N ILE A 49 1.89 -10.45 20.29
CA ILE A 49 1.85 -11.90 20.10
C ILE A 49 3.20 -12.41 19.63
N GLU A 50 3.55 -13.62 20.07
CA GLU A 50 4.85 -14.21 19.77
C GLU A 50 4.86 -14.95 18.43
N SER A 51 3.68 -15.41 18.00
CA SER A 51 3.55 -16.20 16.78
C SER A 51 2.10 -16.24 16.32
N PHE A 52 1.89 -16.64 15.07
CA PHE A 52 0.53 -16.79 14.55
C PHE A 52 -0.24 -17.85 15.34
N GLU A 53 0.46 -18.87 15.85
CA GLU A 53 -0.16 -19.97 16.58
C GLU A 53 -0.56 -19.60 18.00
N THR A 54 0.05 -18.53 18.54
CA THR A 54 -0.24 -18.06 19.89
C THR A 54 -0.99 -16.72 19.92
N ALA A 55 -1.72 -16.42 18.84
CA ALA A 55 -2.43 -15.14 18.71
C ALA A 55 -3.94 -15.25 18.96
N ASN A 56 -4.38 -16.39 19.46
CA ASN A 56 -5.80 -16.67 19.70
C ASN A 56 -6.67 -16.43 18.46
N LEU A 57 -6.16 -16.83 17.31
CA LEU A 57 -6.92 -16.76 16.06
C LEU A 57 -7.82 -17.98 15.93
N ARG A 58 -8.89 -17.82 15.16
CA ARG A 58 -9.73 -18.94 14.76
C ARG A 58 -8.95 -19.88 13.85
N LYS A 59 -9.23 -21.17 13.98
CA LYS A 59 -8.45 -22.18 13.29
C LYS A 59 -8.29 -21.92 11.80
N TYR A 60 -9.38 -21.66 11.08
CA TYR A 60 -9.22 -21.52 9.63
C TYR A 60 -8.74 -20.14 9.15
N VAL A 61 -8.74 -19.15 10.04
CA VAL A 61 -8.02 -17.89 9.77
C VAL A 61 -6.52 -18.17 9.82
N LEU A 62 -6.08 -18.87 10.86
CA LEU A 62 -4.69 -19.33 10.95
C LEU A 62 -4.32 -20.20 9.74
N ASP A 63 -5.21 -21.12 9.37
CA ASP A 63 -4.95 -22.00 8.24
C ASP A 63 -4.77 -21.20 6.94
N ASN A 64 -5.53 -20.12 6.79
CA ASN A 64 -5.37 -19.23 5.63
C ASN A 64 -4.05 -18.46 5.66
N VAL A 65 -3.63 -18.00 6.84
CA VAL A 65 -2.32 -17.37 7.03
C VAL A 65 -1.23 -18.34 6.59
N LEU A 66 -1.33 -19.59 7.06
CA LEU A 66 -0.36 -20.63 6.69
C LEU A 66 -0.43 -20.99 5.20
N LYS A 67 -1.64 -21.01 4.64
CA LYS A 67 -1.82 -21.20 3.18
C LYS A 67 -1.15 -20.09 2.37
N ALA A 68 -1.12 -18.89 2.93
CA ALA A 68 -0.50 -17.73 2.29
C ALA A 68 1.01 -17.84 2.25
N GLY A 69 1.57 -18.82 2.97
CA GLY A 69 3.00 -19.08 2.97
C GLY A 69 3.70 -18.44 4.15
N TYR A 70 2.94 -17.76 5.01
CA TYR A 70 3.51 -17.09 6.18
C TYR A 70 3.78 -18.12 7.26
N ARG A 71 4.92 -17.98 7.93
CA ARG A 71 5.26 -18.85 9.06
C ARG A 71 5.55 -18.09 10.36
N LYS A 72 5.82 -16.80 10.26
CA LYS A 72 6.25 -16.01 11.40
C LYS A 72 5.76 -14.59 11.20
N PRO A 73 5.14 -13.99 12.22
CA PRO A 73 4.60 -12.64 12.07
C PRO A 73 5.70 -11.57 12.08
N THR A 74 5.51 -10.52 11.28
CA THR A 74 6.43 -9.39 11.26
C THR A 74 6.15 -8.53 12.50
N PRO A 75 7.09 -7.62 12.86
CA PRO A 75 6.89 -6.79 14.05
C PRO A 75 5.56 -6.02 14.08
N ILE A 76 5.19 -5.40 12.96
CA ILE A 76 3.93 -4.67 12.92
C ILE A 76 2.75 -5.61 13.16
N GLN A 77 2.84 -6.84 12.64
CA GLN A 77 1.80 -7.86 12.85
C GLN A 77 1.76 -8.35 14.29
N LYS A 78 2.93 -8.54 14.89
CA LYS A 78 3.04 -8.99 16.28
C LYS A 78 2.31 -8.03 17.21
N ASN A 79 2.42 -6.73 16.93
CA ASN A 79 1.78 -5.71 17.74
C ASN A 79 0.34 -5.40 17.37
N ALA A 80 0.08 -5.25 16.07
CA ALA A 80 -1.23 -4.81 15.58
C ALA A 80 -2.33 -5.85 15.80
N ILE A 81 -2.01 -7.13 15.65
CA ILE A 81 -3.00 -8.19 15.76
C ILE A 81 -3.71 -8.18 17.13
N PRO A 82 -2.94 -8.24 18.24
CA PRO A 82 -3.59 -8.15 19.55
C PRO A 82 -4.25 -6.80 19.83
N ILE A 83 -3.64 -5.71 19.35
CA ILE A 83 -4.24 -4.39 19.54
C ILE A 83 -5.62 -4.32 18.89
N ILE A 84 -5.72 -4.77 17.65
CA ILE A 84 -6.98 -4.73 16.91
C ILE A 84 -8.00 -5.68 17.54
N MET A 85 -7.56 -6.89 17.90
CA MET A 85 -8.46 -7.87 18.50
C MET A 85 -8.98 -7.43 19.89
N SER A 86 -8.22 -6.57 20.57
N SER A 86 -8.23 -6.57 20.58
CA SER A 86 -8.67 -6.00 21.85
CA SER A 86 -8.68 -6.01 21.86
C SER A 86 -9.71 -4.89 21.71
C SER A 86 -9.68 -4.86 21.71
N GLY A 87 -10.02 -4.50 20.47
CA GLY A 87 -11.02 -3.46 20.21
C GLY A 87 -10.49 -2.04 20.22
N ARG A 88 -9.18 -1.87 20.09
CA ARG A 88 -8.57 -0.54 20.21
C ARG A 88 -8.31 0.10 18.85
N ASP A 89 -8.26 1.43 18.84
CA ASP A 89 -7.80 2.17 17.66
C ASP A 89 -6.29 2.12 17.59
N LEU A 90 -5.77 2.23 16.38
CA LEU A 90 -4.36 2.02 16.12
C LEU A 90 -3.83 2.92 15.02
N MET A 91 -2.71 3.57 15.29
CA MET A 91 -1.88 4.19 14.26
C MET A 91 -0.61 3.35 14.18
N GLY A 92 -0.42 2.67 13.06
CA GLY A 92 0.70 1.75 12.88
C GLY A 92 1.68 2.20 11.82
N CYS A 93 2.94 2.39 12.23
CA CYS A 93 4.03 2.74 11.31
C CYS A 93 5.08 1.64 11.23
N ALA A 94 5.39 1.23 10.01
CA ALA A 94 6.43 0.25 9.75
C ALA A 94 6.95 0.43 8.33
N GLN A 95 8.20 0.04 8.11
CA GLN A 95 8.84 0.22 6.82
C GLN A 95 8.12 -0.48 5.69
N THR A 96 8.41 -0.05 4.47
CA THR A 96 7.88 -0.66 3.27
C THR A 96 8.17 -2.16 3.25
N GLY A 97 7.20 -2.91 2.73
CA GLY A 97 7.32 -4.36 2.55
C GLY A 97 7.47 -5.18 3.83
N SER A 98 6.81 -4.77 4.90
CA SER A 98 6.92 -5.46 6.20
C SER A 98 5.57 -5.99 6.73
N GLY A 99 4.59 -6.11 5.85
CA GLY A 99 3.33 -6.81 6.16
C GLY A 99 2.25 -6.02 6.86
N LYS A 100 2.16 -4.72 6.60
CA LYS A 100 1.09 -3.91 7.19
C LYS A 100 -0.32 -4.35 6.73
N THR A 101 -0.47 -4.84 5.50
CA THR A 101 -1.79 -5.25 5.02
C THR A 101 -2.39 -6.37 5.85
N ALA A 102 -1.66 -7.47 6.01
CA ALA A 102 -2.12 -8.59 6.83
C ALA A 102 -2.26 -8.18 8.29
N ALA A 103 -1.44 -7.22 8.73
CA ALA A 103 -1.53 -6.72 10.10
C ALA A 103 -2.93 -6.20 10.45
N PHE A 104 -3.65 -5.64 9.47
CA PHE A 104 -5.06 -5.28 9.72
C PHE A 104 -6.09 -6.29 9.18
N LEU A 105 -5.82 -6.95 8.07
CA LEU A 105 -6.80 -7.88 7.49
C LEU A 105 -7.04 -9.10 8.37
N VAL A 106 -5.96 -9.71 8.87
CA VAL A 106 -6.05 -10.94 9.66
C VAL A 106 -6.91 -10.78 10.92
N PRO A 107 -6.61 -9.78 11.77
CA PRO A 107 -7.44 -9.60 12.97
C PRO A 107 -8.87 -9.13 12.67
N ILE A 108 -9.05 -8.29 11.64
CA ILE A 108 -10.40 -7.85 11.26
C ILE A 108 -11.25 -9.04 10.83
N ILE A 109 -10.73 -9.83 9.90
CA ILE A 109 -11.42 -11.03 9.42
C ILE A 109 -11.73 -11.99 10.58
N ASN A 110 -10.78 -12.15 11.49
CA ASN A 110 -10.99 -12.98 12.68
C ASN A 110 -12.19 -12.50 13.51
N MET A 111 -12.25 -11.20 13.75
CA MET A 111 -13.33 -10.61 14.55
C MET A 111 -14.69 -10.66 13.85
N LEU A 112 -14.70 -10.49 12.53
CA LEU A 112 -15.93 -10.61 11.74
C LEU A 112 -16.53 -12.02 11.80
N LEU A 113 -15.68 -13.02 12.01
CA LEU A 113 -16.12 -14.41 12.16
C LEU A 113 -16.38 -14.78 13.62
N GLN A 114 -15.54 -14.32 14.54
CA GLN A 114 -15.69 -14.67 15.96
C GLN A 114 -16.82 -13.89 16.65
N ASP A 115 -17.13 -12.71 16.14
CA ASP A 115 -18.22 -11.89 16.64
C ASP A 115 -19.09 -11.52 15.44
N PRO A 116 -19.84 -12.50 14.91
CA PRO A 116 -20.56 -12.32 13.64
C PRO A 116 -21.80 -11.44 13.76
N LYS A 117 -22.01 -10.63 12.72
CA LYS A 117 -23.21 -9.80 12.59
C LYS A 117 -23.80 -10.10 11.21
N ASP A 118 -25.12 -10.29 11.16
CA ASP A 118 -25.79 -10.50 9.89
C ASP A 118 -25.61 -9.26 9.02
N LEU A 119 -25.41 -9.47 7.71
CA LEU A 119 -25.27 -8.38 6.76
C LEU A 119 -26.58 -7.66 6.58
N ILE A 120 -26.50 -6.35 6.37
CA ILE A 120 -27.67 -5.55 6.03
C ILE A 120 -27.50 -4.96 4.64
N SER A 121 -28.55 -5.11 3.84
CA SER A 121 -28.69 -4.39 2.58
C SER A 121 -30.19 -4.25 2.32
N GLU A 122 -30.69 -3.01 2.43
CA GLU A 122 -32.12 -2.71 2.32
C GLU A 122 -32.36 -1.67 1.23
N ASN A 123 -33.30 -1.96 0.34
CA ASN A 123 -33.62 -1.06 -0.77
C ASN A 123 -32.38 -0.81 -1.64
N GLY A 124 -31.53 -1.82 -1.77
CA GLY A 124 -30.30 -1.72 -2.55
C GLY A 124 -29.11 -1.08 -1.85
N CYS A 125 -29.30 -0.59 -0.63
CA CYS A 125 -28.23 0.10 0.10
C CYS A 125 -27.44 -0.86 0.97
N ALA A 126 -26.22 -1.20 0.53
CA ALA A 126 -25.35 -2.09 1.30
C ALA A 126 -24.81 -1.35 2.53
N GLN A 127 -24.72 -2.06 3.65
CA GLN A 127 -24.12 -1.52 4.87
C GLN A 127 -22.90 -2.36 5.24
N PRO A 128 -21.72 -2.05 4.64
CA PRO A 128 -20.53 -2.84 4.97
C PRO A 128 -20.09 -2.69 6.42
N GLN A 129 -19.45 -3.74 6.94
CA GLN A 129 -18.92 -3.75 8.30
C GLN A 129 -17.48 -3.24 8.36
N VAL A 130 -16.81 -3.25 7.21
CA VAL A 130 -15.44 -2.77 7.11
C VAL A 130 -15.31 -1.90 5.86
N ILE A 131 -14.77 -0.71 6.05
CA ILE A 131 -14.40 0.19 4.95
C ILE A 131 -12.88 0.34 4.99
N ILE A 132 -12.22 -0.05 3.89
CA ILE A 132 -10.78 0.18 3.72
C ILE A 132 -10.57 1.11 2.53
N VAL A 133 -9.87 2.23 2.76
CA VAL A 133 -9.58 3.15 1.66
C VAL A 133 -8.07 3.28 1.44
N SER A 134 -7.71 3.56 0.19
CA SER A 134 -6.32 3.77 -0.20
C SER A 134 -6.28 4.86 -1.27
N PRO A 135 -5.09 5.44 -1.49
CA PRO A 135 -4.98 6.60 -2.38
C PRO A 135 -5.03 6.31 -3.89
N THR A 136 -4.92 5.05 -4.32
CA THR A 136 -4.95 4.74 -5.75
C THR A 136 -5.78 3.50 -6.07
N ARG A 137 -6.24 3.45 -7.32
CA ARG A 137 -7.11 2.39 -7.81
C ARG A 137 -6.42 1.02 -7.78
N GLU A 138 -5.16 0.98 -8.21
CA GLU A 138 -4.43 -0.29 -8.25
C GLU A 138 -4.13 -0.82 -6.86
N LEU A 139 -3.83 0.07 -5.91
CA LEU A 139 -3.60 -0.35 -4.54
C LEU A 139 -4.90 -0.88 -3.91
N THR A 140 -6.00 -0.21 -4.19
CA THR A 140 -7.31 -0.64 -3.70
C THR A 140 -7.64 -2.05 -4.20
N LEU A 141 -7.42 -2.32 -5.48
CA LEU A 141 -7.63 -3.67 -6.03
C LEU A 141 -6.71 -4.72 -5.37
N GLN A 142 -5.49 -4.31 -5.06
CA GLN A 142 -4.52 -5.18 -4.39
C GLN A 142 -4.98 -5.60 -2.99
N ILE A 143 -5.44 -4.63 -2.21
CA ILE A 143 -5.91 -4.88 -0.85
C ILE A 143 -7.17 -5.76 -0.88
N PHE A 144 -8.03 -5.49 -1.85
CA PHE A 144 -9.22 -6.32 -2.11
C PHE A 144 -8.82 -7.78 -2.33
N ASN A 145 -7.81 -8.00 -3.17
CA ASN A 145 -7.36 -9.36 -3.46
C ASN A 145 -6.69 -10.03 -2.24
N GLU A 146 -6.01 -9.24 -1.42
CA GLU A 146 -5.47 -9.76 -0.16
C GLU A 146 -6.58 -10.11 0.84
N ALA A 147 -7.65 -9.31 0.88
CA ALA A 147 -8.78 -9.61 1.76
C ALA A 147 -9.47 -10.91 1.35
N ARG A 148 -9.60 -11.13 0.05
CA ARG A 148 -10.11 -12.39 -0.50
C ARG A 148 -9.23 -13.58 -0.13
N LYS A 149 -7.92 -13.35 -0.07
CA LYS A 149 -6.97 -14.38 0.33
C LYS A 149 -7.21 -14.85 1.77
N PHE A 150 -7.20 -13.92 2.72
CA PHE A 150 -7.28 -14.28 4.14
C PHE A 150 -8.66 -14.72 4.59
N SER A 151 -9.69 -14.32 3.83
CA SER A 151 -11.06 -14.72 4.11
C SER A 151 -11.53 -15.87 3.20
N TYR A 152 -10.60 -16.48 2.47
CA TYR A 152 -10.94 -17.51 1.48
C TYR A 152 -11.68 -18.68 2.10
N GLY A 153 -12.77 -19.09 1.47
CA GLY A 153 -13.55 -20.23 1.93
C GLY A 153 -14.53 -19.94 3.05
N SER A 154 -14.52 -18.71 3.56
CA SER A 154 -15.43 -18.30 4.64
C SER A 154 -16.71 -17.73 4.06
N VAL A 155 -17.65 -17.39 4.94
CA VAL A 155 -18.91 -16.77 4.51
C VAL A 155 -18.76 -15.27 4.21
N LEU A 156 -17.57 -14.72 4.43
CA LEU A 156 -17.36 -13.29 4.26
C LEU A 156 -17.38 -12.90 2.78
N LYS A 157 -17.96 -11.74 2.51
CA LYS A 157 -18.11 -11.21 1.16
C LYS A 157 -17.30 -9.93 1.09
N VAL A 158 -16.36 -9.89 0.15
CA VAL A 158 -15.55 -8.71 -0.09
C VAL A 158 -15.96 -8.10 -1.44
N ALA A 159 -16.03 -6.76 -1.47
CA ALA A 159 -16.35 -6.04 -2.70
C ALA A 159 -15.37 -4.87 -2.88
N VAL A 160 -15.25 -4.41 -4.12
CA VAL A 160 -14.34 -3.33 -4.46
C VAL A 160 -15.08 -2.16 -5.11
N ALA A 161 -14.55 -0.96 -4.93
CA ALA A 161 -15.12 0.24 -5.54
C ALA A 161 -14.02 1.21 -5.91
N TYR A 162 -13.88 1.49 -7.20
CA TYR A 162 -12.89 2.44 -7.66
C TYR A 162 -13.23 2.96 -9.06
N GLY A 163 -12.74 4.15 -9.36
CA GLY A 163 -13.05 4.84 -10.61
C GLY A 163 -12.43 4.24 -11.85
N GLY A 164 -12.93 4.67 -13.00
CA GLY A 164 -12.47 4.17 -14.30
C GLY A 164 -13.11 2.85 -14.69
N THR A 165 -14.06 2.39 -13.89
CA THR A 165 -14.76 1.13 -14.12
C THR A 165 -16.23 1.38 -14.37
N ALA A 166 -16.88 0.43 -15.03
CA ALA A 166 -18.33 0.48 -15.24
C ALA A 166 -19.02 0.52 -13.88
N VAL A 167 -19.72 1.62 -13.61
CA VAL A 167 -20.30 1.89 -12.29
C VAL A 167 -21.33 0.82 -11.91
N ARG A 168 -22.14 0.45 -12.89
CA ARG A 168 -23.19 -0.54 -12.70
C ARG A 168 -22.64 -1.90 -12.30
N HIS A 169 -21.55 -2.30 -12.96
CA HIS A 169 -20.87 -3.57 -12.64
C HIS A 169 -20.45 -3.62 -11.17
N GLN A 170 -19.81 -2.57 -10.67
CA GLN A 170 -19.40 -2.52 -9.27
C GLN A 170 -20.58 -2.30 -8.33
N GLY A 171 -21.53 -1.47 -8.77
CA GLY A 171 -22.70 -1.14 -7.97
C GLY A 171 -23.59 -2.33 -7.71
N ASP A 172 -23.90 -3.08 -8.77
CA ASP A 172 -24.75 -4.26 -8.65
C ASP A 172 -24.12 -5.32 -7.75
N ASN A 173 -22.80 -5.46 -7.83
CA ASN A 173 -22.09 -6.39 -6.94
C ASN A 173 -22.17 -5.96 -5.48
N ILE A 174 -21.94 -4.68 -5.21
CA ILE A 174 -22.05 -4.12 -3.86
C ILE A 174 -23.48 -4.28 -3.31
N ALA A 175 -24.48 -4.12 -4.18
CA ALA A 175 -25.89 -4.21 -3.79
C ALA A 175 -26.26 -5.58 -3.19
N ARG A 176 -25.55 -6.61 -3.60
CA ARG A 176 -25.74 -7.97 -3.07
C ARG A 176 -25.37 -8.07 -1.58
N GLY A 177 -24.63 -7.10 -1.08
CA GLY A 177 -24.19 -7.07 0.31
C GLY A 177 -22.72 -7.44 0.40
N CYS A 178 -21.99 -6.79 1.30
CA CYS A 178 -20.59 -7.13 1.54
C CYS A 178 -20.19 -6.82 2.97
N HIS A 179 -19.35 -7.68 3.55
CA HIS A 179 -18.79 -7.44 4.88
C HIS A 179 -17.66 -6.40 4.79
N ILE A 180 -16.85 -6.52 3.75
CA ILE A 180 -15.69 -5.66 3.55
C ILE A 180 -15.77 -4.98 2.19
N LEU A 181 -15.71 -3.64 2.22
CA LEU A 181 -15.63 -2.85 1.00
C LEU A 181 -14.29 -2.10 0.97
N VAL A 182 -13.50 -2.37 -0.06
CA VAL A 182 -12.21 -1.72 -0.27
C VAL A 182 -12.41 -0.71 -1.41
N ALA A 183 -12.01 0.53 -1.19
CA ALA A 183 -12.36 1.58 -2.14
C ALA A 183 -11.31 2.67 -2.26
N THR A 184 -11.37 3.39 -3.37
CA THR A 184 -10.80 4.71 -3.48
C THR A 184 -11.91 5.69 -3.11
N PRO A 185 -11.55 6.87 -2.58
CA PRO A 185 -12.56 7.78 -2.02
C PRO A 185 -13.61 8.31 -3.00
N GLY A 186 -13.22 8.65 -4.22
CA GLY A 186 -14.15 9.22 -5.19
C GLY A 186 -15.31 8.30 -5.48
N ARG A 187 -15.01 7.05 -5.85
CA ARG A 187 -16.07 6.09 -6.20
C ARG A 187 -16.88 5.66 -4.97
N LEU A 188 -16.24 5.64 -3.80
CA LEU A 188 -16.95 5.34 -2.55
C LEU A 188 -18.08 6.34 -2.32
N HIS A 189 -17.76 7.62 -2.35
CA HIS A 189 -18.75 8.68 -2.08
C HIS A 189 -19.82 8.79 -3.16
N ASP A 190 -19.47 8.43 -4.39
CA ASP A 190 -20.44 8.32 -5.48
C ASP A 190 -21.52 7.30 -5.10
N PHE A 191 -21.11 6.09 -4.75
CA PHE A 191 -22.04 5.08 -4.28
C PHE A 191 -22.79 5.48 -3.01
N VAL A 192 -22.11 6.16 -2.09
CA VAL A 192 -22.77 6.60 -0.86
C VAL A 192 -23.91 7.58 -1.19
N GLU A 193 -23.61 8.54 -2.07
CA GLU A 193 -24.60 9.56 -2.43
C GLU A 193 -25.78 9.01 -3.25
N ARG A 194 -25.58 7.86 -3.92
CA ARG A 194 -26.68 7.17 -4.60
C ARG A 194 -27.50 6.27 -3.67
N ASN A 195 -27.11 6.21 -2.40
CA ASN A 195 -27.71 5.28 -1.45
C ASN A 195 -27.45 3.81 -1.80
N ARG A 196 -26.31 3.55 -2.45
CA ARG A 196 -25.84 2.19 -2.71
C ARG A 196 -25.04 1.67 -1.51
N VAL A 197 -24.39 2.60 -0.80
CA VAL A 197 -23.61 2.28 0.38
C VAL A 197 -23.98 3.22 1.52
N SER A 198 -24.12 2.66 2.72
CA SER A 198 -24.28 3.46 3.94
C SER A 198 -23.25 2.98 4.96
N PHE A 199 -22.85 3.89 5.85
CA PHE A 199 -21.86 3.57 6.87
C PHE A 199 -22.50 3.13 8.20
N GLY A 200 -23.80 2.82 8.17
CA GLY A 200 -24.56 2.50 9.37
C GLY A 200 -24.20 1.24 10.14
N SER A 201 -23.50 0.30 9.50
CA SER A 201 -23.08 -0.94 10.16
C SER A 201 -21.56 -1.03 10.28
N VAL A 202 -20.84 0.06 10.03
CA VAL A 202 -19.38 0.03 10.07
C VAL A 202 -18.87 -0.38 11.45
N ARG A 203 -17.98 -1.37 11.46
CA ARG A 203 -17.27 -1.80 12.67
C ARG A 203 -15.80 -1.39 12.62
N PHE A 204 -15.24 -1.33 11.41
CA PHE A 204 -13.86 -0.92 11.20
C PHE A 204 -13.74 0.06 10.05
N VAL A 205 -12.98 1.13 10.25
CA VAL A 205 -12.52 1.97 9.15
C VAL A 205 -11.00 1.89 9.14
N VAL A 206 -10.44 1.56 7.98
CA VAL A 206 -8.99 1.49 7.79
C VAL A 206 -8.56 2.49 6.73
N LEU A 207 -7.63 3.37 7.10
CA LEU A 207 -6.92 4.20 6.12
C LEU A 207 -5.56 3.57 5.89
N ASP A 208 -5.36 3.00 4.70
CA ASP A 208 -4.04 2.54 4.31
C ASP A 208 -3.34 3.70 3.62
N GLN A 209 -2.02 3.78 3.78
CA GLN A 209 -1.27 4.99 3.39
C GLN A 209 -1.93 6.21 4.05
N ALA A 210 -2.19 6.06 5.35
CA ALA A 210 -3.04 7.00 6.11
C ALA A 210 -2.60 8.46 6.05
N ASP A 211 -1.28 8.69 6.06
CA ASP A 211 -0.76 10.06 6.03
C ASP A 211 -1.08 10.75 4.70
N CYS A 212 -1.05 9.98 3.62
CA CYS A 212 -1.46 10.48 2.30
C CYS A 212 -2.96 10.76 2.27
N MET A 213 -3.75 9.90 2.90
CA MET A 213 -5.21 10.06 2.96
C MET A 213 -5.63 11.28 3.78
N LEU A 214 -4.79 11.67 4.73
CA LEU A 214 -5.07 12.80 5.62
C LEU A 214 -4.46 14.13 5.17
N ASP A 215 -3.68 14.10 4.09
CA ASP A 215 -3.07 15.33 3.57
C ASP A 215 -4.13 16.10 2.76
N MET A 216 -3.75 17.26 2.22
CA MET A 216 -4.73 18.22 1.70
C MET A 216 -5.61 17.68 0.57
N GLY A 217 -5.04 16.85 -0.30
CA GLY A 217 -5.78 16.30 -1.44
C GLY A 217 -6.96 15.41 -1.05
N PHE A 218 -6.77 14.55 -0.05
CA PHE A 218 -7.76 13.56 0.35
C PHE A 218 -8.55 13.90 1.62
N MET A 219 -8.08 14.86 2.44
CA MET A 219 -8.71 15.10 3.74
C MET A 219 -10.23 15.37 3.66
N PRO A 220 -10.67 16.19 2.69
CA PRO A 220 -12.11 16.42 2.56
C PRO A 220 -12.90 15.12 2.37
N SER A 221 -12.40 14.22 1.52
CA SER A 221 -13.07 12.95 1.27
CA SER A 221 -13.08 12.95 1.28
C SER A 221 -13.11 12.08 2.53
N ILE A 222 -12.05 12.17 3.34
CA ILE A 222 -11.99 11.43 4.61
C ILE A 222 -13.01 12.03 5.58
N GLU A 223 -13.04 13.36 5.68
CA GLU A 223 -14.04 14.05 6.50
C GLU A 223 -15.46 13.62 6.13
N LYS A 224 -15.75 13.59 4.83
CA LYS A 224 -17.07 13.21 4.35
C LYS A 224 -17.44 11.78 4.73
N MET A 225 -16.46 10.91 4.86
CA MET A 225 -16.67 9.54 5.33
C MET A 225 -16.84 9.49 6.85
N MET A 226 -15.83 10.00 7.56
CA MET A 226 -15.79 9.90 9.02
C MET A 226 -16.93 10.65 9.69
N LEU A 227 -17.36 11.75 9.07
CA LEU A 227 -18.43 12.58 9.61
C LEU A 227 -19.75 12.42 8.86
N HIS A 228 -19.85 11.37 8.04
CA HIS A 228 -21.06 11.16 7.25
C HIS A 228 -22.24 10.93 8.20
N PRO A 229 -23.42 11.48 7.88
CA PRO A 229 -24.58 11.27 8.75
C PRO A 229 -24.86 9.81 9.08
N THR A 230 -24.62 8.91 8.13
CA THR A 230 -24.81 7.47 8.34
C THR A 230 -23.65 6.77 9.06
N MET A 231 -22.52 7.44 9.23
CA MET A 231 -21.35 6.81 9.88
C MET A 231 -21.59 6.62 11.38
N VAL A 232 -21.29 5.42 11.86
CA VAL A 232 -21.33 5.14 13.30
C VAL A 232 -20.17 5.90 13.97
N GLU A 233 -20.43 6.50 15.12
CA GLU A 233 -19.46 7.39 15.77
C GLU A 233 -18.18 6.68 16.24
N THR A 234 -17.11 7.47 16.38
CA THR A 234 -15.76 6.95 16.65
C THR A 234 -15.63 6.08 17.91
N THR A 235 -16.44 6.35 18.93
CA THR A 235 -16.41 5.56 20.18
C THR A 235 -17.21 4.25 20.11
N LYS A 236 -17.93 4.02 19.01
CA LYS A 236 -18.68 2.77 18.82
C LYS A 236 -18.18 1.91 17.64
N ARG A 237 -17.05 2.30 17.05
CA ARG A 237 -16.38 1.53 16.00
C ARG A 237 -14.88 1.52 16.27
N GLN A 238 -14.10 0.88 15.41
CA GLN A 238 -12.65 1.01 15.41
C GLN A 238 -12.13 1.75 14.18
N THR A 239 -11.08 2.54 14.39
CA THR A 239 -10.40 3.25 13.31
C THR A 239 -8.92 2.89 13.34
N LEU A 240 -8.42 2.41 12.21
CA LEU A 240 -7.03 1.94 12.07
C LEU A 240 -6.35 2.68 10.94
N MET A 241 -5.10 3.08 11.16
CA MET A 241 -4.34 3.85 10.19
C MET A 241 -2.94 3.28 10.07
N PHE A 242 -2.52 2.98 8.84
CA PHE A 242 -1.21 2.37 8.58
C PHE A 242 -0.44 3.12 7.48
N SER A 243 0.86 3.25 7.68
CA SER A 243 1.76 3.80 6.65
C SER A 243 3.23 3.60 7.01
N ALA A 244 4.08 3.69 6.00
CA ALA A 244 5.53 3.70 6.19
C ALA A 244 6.00 5.08 6.62
N THR A 245 5.18 6.10 6.36
CA THR A 245 5.52 7.48 6.71
C THR A 245 4.39 8.13 7.48
N PHE A 246 4.73 9.09 8.34
CA PHE A 246 3.71 9.81 9.09
C PHE A 246 4.32 11.07 9.72
N PRO A 247 4.35 12.18 8.97
CA PRO A 247 4.81 13.46 9.54
C PRO A 247 4.01 13.82 10.79
N GLU A 248 4.66 14.51 11.72
CA GLU A 248 4.04 14.79 13.02
C GLU A 248 2.77 15.65 12.90
N ASP A 249 2.79 16.63 12.00
CA ASP A 249 1.59 17.45 11.79
C ASP A 249 0.41 16.63 11.24
N ILE A 250 0.70 15.62 10.42
CA ILE A 250 -0.34 14.72 9.91
C ILE A 250 -0.81 13.74 10.99
N GLN A 251 0.11 13.29 11.84
CA GLN A 251 -0.26 12.49 13.01
C GLN A 251 -1.26 13.25 13.87
N HIS A 252 -1.04 14.56 14.03
CA HIS A 252 -1.94 15.40 14.80
C HIS A 252 -3.34 15.43 14.17
N LEU A 253 -3.40 15.62 12.85
CA LEU A 253 -4.67 15.64 12.12
C LEU A 253 -5.43 14.33 12.27
N ALA A 254 -4.70 13.22 12.25
CA ALA A 254 -5.26 11.89 12.43
C ALA A 254 -6.08 11.74 13.72
N GLY A 255 -5.62 12.41 14.78
CA GLY A 255 -6.26 12.36 16.09
C GLY A 255 -7.75 12.66 16.13
N ARG A 256 -8.23 13.48 15.20
CA ARG A 256 -9.66 13.80 15.14
C ARG A 256 -10.54 12.57 14.88
N PHE A 257 -9.98 11.56 14.22
CA PHE A 257 -10.74 10.36 13.85
C PHE A 257 -10.39 9.12 14.66
N LEU A 258 -9.58 9.30 15.70
CA LEU A 258 -9.12 8.19 16.52
C LEU A 258 -9.61 8.35 17.95
N ASN A 259 -9.86 7.22 18.61
CA ASN A 259 -10.38 7.18 19.96
C ASN A 259 -9.41 6.43 20.87
N ASN A 260 -8.78 7.14 21.80
CA ASN A 260 -7.87 6.52 22.80
C ASN A 260 -6.95 5.51 22.14
N TYR A 261 -6.18 5.97 21.15
CA TYR A 261 -5.48 5.05 20.25
C TYR A 261 -4.08 4.71 20.71
N LEU A 262 -3.59 3.58 20.21
CA LEU A 262 -2.21 3.17 20.43
C LEU A 262 -1.39 3.51 19.20
N PHE A 263 -0.17 3.99 19.43
CA PHE A 263 0.77 4.31 18.37
C PHE A 263 1.86 3.24 18.37
N VAL A 264 2.09 2.63 17.21
CA VAL A 264 3.12 1.60 17.07
C VAL A 264 4.05 2.01 15.93
N ALA A 265 5.32 2.19 16.24
CA ALA A 265 6.34 2.51 15.24
C ALA A 265 7.43 1.46 15.28
N VAL A 266 7.59 0.74 14.17
CA VAL A 266 8.63 -0.25 14.04
C VAL A 266 9.85 0.48 13.48
N GLY A 267 10.77 0.84 14.36
CA GLY A 267 11.92 1.64 13.98
C GLY A 267 11.57 3.10 13.75
N ILE A 268 12.50 3.83 13.13
CA ILE A 268 12.34 5.26 12.92
C ILE A 268 11.15 5.49 11.97
N VAL A 269 10.22 6.35 12.39
CA VAL A 269 9.05 6.71 11.59
C VAL A 269 9.53 7.32 10.28
N GLY A 270 9.08 6.77 9.15
CA GLY A 270 9.46 7.28 7.83
C GLY A 270 10.85 6.90 7.35
N GLY A 271 11.56 6.07 8.09
CA GLY A 271 12.87 5.60 7.67
C GLY A 271 12.76 4.67 6.47
N ALA A 272 13.80 4.68 5.63
CA ALA A 272 13.86 3.78 4.48
C ALA A 272 14.07 2.34 4.94
N SER A 273 13.54 1.38 4.18
CA SER A 273 13.86 -0.03 4.41
C SER A 273 15.37 -0.21 4.23
N THR A 274 16.03 -0.79 5.22
CA THR A 274 17.47 -1.06 5.13
C THR A 274 17.83 -2.17 4.13
N ASP A 275 16.83 -2.87 3.60
CA ASP A 275 17.08 -3.91 2.59
C ASP A 275 17.21 -3.35 1.17
N VAL A 276 17.01 -2.05 1.01
CA VAL A 276 17.20 -1.38 -0.27
C VAL A 276 18.56 -0.69 -0.31
N GLU A 277 19.41 -1.12 -1.25
CA GLU A 277 20.66 -0.41 -1.52
C GLU A 277 20.34 0.87 -2.28
N GLN A 278 20.69 2.01 -1.69
CA GLN A 278 20.38 3.32 -2.27
C GLN A 278 21.60 3.89 -2.97
N ILE A 279 21.44 4.17 -4.26
CA ILE A 279 22.53 4.68 -5.11
C ILE A 279 22.07 5.96 -5.79
N PHE A 280 23.00 6.89 -5.99
CA PHE A 280 22.72 8.15 -6.65
C PHE A 280 23.71 8.42 -7.77
N ILE A 281 23.23 9.08 -8.82
CA ILE A 281 24.05 9.49 -9.95
C ILE A 281 23.78 10.98 -10.19
N GLU A 282 24.83 11.80 -10.17
CA GLU A 282 24.67 13.23 -10.44
C GLU A 282 24.57 13.45 -11.95
N VAL A 283 23.44 13.99 -12.39
CA VAL A 283 23.23 14.27 -13.81
C VAL A 283 22.48 15.57 -14.03
N THR A 284 22.75 16.20 -15.17
CA THR A 284 21.98 17.35 -15.61
C THR A 284 20.67 16.85 -16.20
N LYS A 285 19.72 17.76 -16.40
CA LYS A 285 18.42 17.40 -16.97
C LYS A 285 18.59 16.73 -18.34
N TYR A 286 19.49 17.27 -19.14
CA TYR A 286 19.84 16.69 -20.45
C TYR A 286 20.36 15.25 -20.33
N GLU A 287 21.38 15.07 -19.49
CA GLU A 287 22.06 13.77 -19.34
C GLU A 287 21.15 12.63 -18.90
N LYS A 288 20.04 12.94 -18.24
CA LYS A 288 19.12 11.93 -17.74
C LYS A 288 18.67 10.91 -18.79
N ARG A 289 18.47 11.36 -20.03
CA ARG A 289 17.95 10.46 -21.07
C ARG A 289 18.95 9.37 -21.44
N ASN A 290 20.18 9.78 -21.73
CA ASN A 290 21.24 8.81 -22.03
C ASN A 290 21.61 7.95 -20.82
N SER A 291 21.65 8.57 -19.65
CA SER A 291 21.94 7.85 -18.41
C SER A 291 20.91 6.75 -18.14
N LEU A 292 19.64 7.02 -18.43
CA LEU A 292 18.60 5.99 -18.30
C LEU A 292 18.84 4.86 -19.29
N LYS A 293 19.13 5.21 -20.55
CA LYS A 293 19.43 4.23 -21.59
C LYS A 293 20.61 3.35 -21.20
N GLN A 294 21.66 3.98 -20.68
CA GLN A 294 22.86 3.27 -20.24
C GLN A 294 22.54 2.30 -19.10
N LEU A 295 21.80 2.77 -18.11
N LEU A 295 21.80 2.78 -18.11
CA LEU A 295 21.45 1.96 -16.95
CA LEU A 295 21.42 1.97 -16.94
C LEU A 295 20.62 0.72 -17.33
C LEU A 295 20.62 0.74 -17.32
N ILE A 296 19.72 0.88 -18.30
CA ILE A 296 18.91 -0.25 -18.79
C ILE A 296 19.78 -1.23 -19.57
N GLU A 297 20.68 -0.72 -20.40
CA GLU A 297 21.62 -1.57 -21.15
C GLU A 297 22.51 -2.40 -20.23
N GLU A 298 23.03 -1.76 -19.19
CA GLU A 298 23.89 -2.43 -18.20
C GLU A 298 23.13 -3.46 -17.34
N ASN A 299 21.80 -3.38 -17.33
CA ASN A 299 20.96 -4.27 -16.54
C ASN A 299 19.95 -5.04 -17.39
N ASP A 300 20.44 -5.68 -18.45
CA ASP A 300 19.58 -6.49 -19.31
C ASP A 300 19.06 -7.70 -18.53
N GLY A 301 17.77 -7.98 -18.66
CA GLY A 301 17.12 -9.08 -17.95
C GLY A 301 16.61 -8.74 -16.56
N LYS A 302 16.95 -7.55 -16.06
CA LYS A 302 16.48 -7.10 -14.76
C LYS A 302 15.12 -6.45 -14.92
N ARG A 303 14.26 -6.61 -13.91
N ARG A 303 14.27 -6.59 -13.90
CA ARG A 303 12.97 -5.94 -13.87
CA ARG A 303 12.97 -5.94 -13.87
C ARG A 303 13.13 -4.57 -13.22
C ARG A 303 13.10 -4.57 -13.21
N ILE A 304 12.84 -3.51 -13.98
CA ILE A 304 13.08 -2.14 -13.52
C ILE A 304 11.81 -1.30 -13.50
N LEU A 305 11.60 -0.59 -12.38
CA LEU A 305 10.48 0.34 -12.21
C LEU A 305 11.02 1.76 -12.25
N VAL A 306 10.64 2.52 -13.28
CA VAL A 306 11.18 3.86 -13.52
C VAL A 306 10.17 4.94 -13.12
N PHE A 307 10.50 5.70 -12.09
CA PHE A 307 9.63 6.79 -11.62
C PHE A 307 9.99 8.14 -12.25
N VAL A 308 8.96 8.84 -12.71
CA VAL A 308 9.10 10.19 -13.29
C VAL A 308 8.11 11.12 -12.60
N GLU A 309 8.33 12.43 -12.74
CA GLU A 309 7.45 13.42 -12.11
C GLU A 309 6.10 13.53 -12.84
N THR A 310 6.13 13.85 -14.13
CA THR A 310 4.91 14.19 -14.83
C THR A 310 4.36 13.08 -15.72
N LYS A 311 3.06 13.16 -15.99
CA LYS A 311 2.38 12.26 -16.93
C LYS A 311 2.95 12.43 -18.33
N ARG A 312 3.24 13.66 -18.72
CA ARG A 312 3.88 13.95 -20.00
C ARG A 312 5.21 13.21 -20.14
N ASN A 313 6.03 13.27 -19.11
CA ASN A 313 7.34 12.62 -19.16
C ASN A 313 7.23 11.08 -19.05
N ALA A 314 6.19 10.59 -18.39
CA ALA A 314 5.94 9.14 -18.35
C ALA A 314 5.67 8.61 -19.77
N ASP A 315 4.85 9.33 -20.53
CA ASP A 315 4.60 8.98 -21.93
C ASP A 315 5.86 9.13 -22.79
N PHE A 316 6.66 10.16 -22.53
CA PHE A 316 7.90 10.35 -23.28
C PHE A 316 8.89 9.22 -23.03
N ILE A 317 9.14 8.92 -21.75
CA ILE A 317 10.14 7.92 -21.40
C ILE A 317 9.71 6.53 -21.89
N ALA A 318 8.42 6.22 -21.78
CA ALA A 318 7.89 4.95 -22.27
C ALA A 318 8.16 4.79 -23.78
N ALA A 319 7.89 5.85 -24.52
CA ALA A 319 8.12 5.87 -25.97
C ALA A 319 9.61 5.79 -26.32
N MET A 320 10.44 6.43 -25.51
CA MET A 320 11.89 6.38 -25.69
C MET A 320 12.42 4.96 -25.51
N LEU A 321 12.06 4.33 -24.40
CA LEU A 321 12.57 2.99 -24.08
C LEU A 321 11.98 1.90 -24.98
N SER A 322 10.80 2.15 -25.53
CA SER A 322 10.17 1.21 -26.47
C SER A 322 10.78 1.33 -27.87
N GLU A 323 10.89 2.57 -28.36
CA GLU A 323 11.57 2.84 -29.63
C GLU A 323 13.05 2.43 -29.60
N GLN A 324 13.60 2.29 -28.41
CA GLN A 324 14.99 1.85 -28.23
C GLN A 324 15.09 0.33 -28.17
N GLN A 325 14.78 -0.27 -27.03
CA GLN A 325 15.00 -1.71 -26.83
C GLN A 325 13.75 -2.43 -26.35
N LEU A 326 13.47 -2.29 -25.05
CA LEU A 326 12.66 -3.29 -24.36
C LEU A 326 11.16 -3.08 -24.45
N LEU A 327 10.45 -4.20 -24.43
CA LEU A 327 9.01 -4.24 -24.19
C LEU A 327 8.72 -3.61 -22.83
N THR A 328 7.97 -2.51 -22.86
CA THR A 328 7.85 -1.61 -21.73
C THR A 328 6.38 -1.23 -21.56
N SER A 329 5.96 -1.08 -20.31
CA SER A 329 4.63 -0.60 -20.01
C SER A 329 4.71 0.75 -19.31
N SER A 330 3.56 1.43 -19.25
CA SER A 330 3.46 2.75 -18.66
CA SER A 330 3.47 2.74 -18.62
C SER A 330 2.19 2.83 -17.81
N ILE A 331 2.27 3.50 -16.66
CA ILE A 331 1.11 3.69 -15.80
C ILE A 331 1.06 5.11 -15.23
N HIS A 332 -0.03 5.81 -15.53
CA HIS A 332 -0.29 7.12 -14.96
C HIS A 332 -1.76 7.50 -15.14
N GLY A 333 -2.17 8.58 -14.48
CA GLY A 333 -3.58 8.95 -14.35
C GLY A 333 -4.32 9.38 -15.60
N ASP A 334 -3.60 9.75 -16.66
CA ASP A 334 -4.23 10.06 -17.94
C ASP A 334 -4.35 8.86 -18.88
N ARG A 335 -3.86 7.69 -18.47
CA ARG A 335 -4.08 6.47 -19.23
C ARG A 335 -5.45 5.90 -18.89
N MET A 336 -6.04 5.14 -19.82
CA MET A 336 -7.31 4.48 -19.56
C MET A 336 -7.12 3.46 -18.45
N GLN A 337 -8.15 3.24 -17.63
CA GLN A 337 -8.02 2.35 -16.48
C GLN A 337 -7.67 0.92 -16.90
N ARG A 338 -8.23 0.46 -18.02
CA ARG A 338 -7.85 -0.84 -18.59
C ARG A 338 -6.35 -0.89 -18.90
N GLU A 339 -5.83 0.21 -19.45
CA GLU A 339 -4.41 0.29 -19.81
C GLU A 339 -3.51 0.30 -18.56
N ARG A 340 -3.95 1.03 -17.53
CA ARG A 340 -3.22 1.05 -16.25
C ARG A 340 -3.12 -0.34 -15.65
N GLU A 341 -4.23 -1.06 -15.63
CA GLU A 341 -4.27 -2.41 -15.07
C GLU A 341 -3.51 -3.41 -15.94
N GLU A 342 -3.63 -3.29 -17.26
CA GLU A 342 -2.84 -4.13 -18.18
C GLU A 342 -1.34 -3.86 -18.00
N ALA A 343 -0.97 -2.60 -17.85
CA ALA A 343 0.44 -2.21 -17.65
C ALA A 343 1.01 -2.87 -16.40
N LEU A 344 0.31 -2.72 -15.28
CA LEU A 344 0.77 -3.29 -14.01
C LEU A 344 0.82 -4.82 -14.09
N GLN A 345 -0.21 -5.43 -14.65
CA GLN A 345 -0.25 -6.88 -14.78
C GLN A 345 0.89 -7.39 -15.68
N ASN A 346 1.12 -6.70 -16.79
CA ASN A 346 2.24 -7.04 -17.68
C ASN A 346 3.56 -7.03 -16.91
N PHE A 347 3.73 -6.04 -16.05
CA PHE A 347 4.93 -5.91 -15.22
C PHE A 347 4.97 -6.99 -14.14
N LYS A 348 3.83 -7.21 -13.47
CA LYS A 348 3.74 -8.18 -12.38
C LYS A 348 3.85 -9.63 -12.84
N SER A 349 3.44 -9.90 -14.08
CA SER A 349 3.44 -11.26 -14.63
C SER A 349 4.81 -11.67 -15.14
N GLY A 350 5.57 -10.71 -15.67
CA GLY A 350 6.87 -10.98 -16.27
C GLY A 350 6.91 -10.68 -17.75
N LYS A 351 5.74 -10.55 -18.37
CA LYS A 351 5.63 -10.24 -19.79
C LYS A 351 6.46 -9.01 -20.16
N HIS A 352 6.39 -7.97 -19.33
CA HIS A 352 7.23 -6.80 -19.47
C HIS A 352 8.17 -6.67 -18.28
N CYS A 353 9.41 -6.24 -18.52
N CYS A 353 9.40 -6.23 -18.56
CA CYS A 353 10.39 -6.07 -17.46
CA CYS A 353 10.44 -6.07 -17.54
C CYS A 353 10.68 -4.61 -17.11
C CYS A 353 10.65 -4.62 -17.10
N ILE A 354 10.05 -3.67 -17.82
CA ILE A 354 10.16 -2.25 -17.48
C ILE A 354 8.77 -1.65 -17.36
N LEU A 355 8.54 -0.96 -16.24
CA LEU A 355 7.33 -0.17 -16.03
C LEU A 355 7.75 1.27 -15.76
N VAL A 356 7.23 2.20 -16.56
CA VAL A 356 7.44 3.62 -16.36
C VAL A 356 6.20 4.17 -15.67
N ALA A 357 6.39 4.92 -14.59
CA ALA A 357 5.28 5.32 -13.74
C ALA A 357 5.49 6.69 -13.09
N THR A 358 4.37 7.37 -12.88
CA THR A 358 4.31 8.56 -12.03
C THR A 358 4.16 8.08 -10.58
N ALA A 359 3.99 9.03 -9.66
CA ALA A 359 3.70 8.74 -8.26
C ALA A 359 2.47 7.85 -8.02
N VAL A 360 1.64 7.65 -9.05
CA VAL A 360 0.51 6.73 -8.95
C VAL A 360 0.96 5.34 -8.47
N ALA A 361 2.20 4.95 -8.78
CA ALA A 361 2.73 3.64 -8.40
C ALA A 361 3.75 3.71 -7.26
N ALA A 362 3.84 4.84 -6.56
CA ALA A 362 4.85 5.03 -5.53
C ALA A 362 4.53 4.30 -4.22
N ARG A 363 3.25 4.25 -3.86
CA ARG A 363 2.84 3.70 -2.57
C ARG A 363 2.13 2.36 -2.66
N GLY A 364 2.49 1.45 -1.74
CA GLY A 364 1.66 0.28 -1.44
C GLY A 364 1.80 -0.92 -2.35
N LEU A 365 1.96 -0.67 -3.64
CA LEU A 365 1.96 -1.74 -4.64
C LEU A 365 3.00 -2.79 -4.30
N ASP A 366 2.59 -4.06 -4.42
CA ASP A 366 3.39 -5.20 -4.02
C ASP A 366 3.66 -6.02 -5.28
N ILE A 367 4.87 -5.87 -5.81
CA ILE A 367 5.24 -6.46 -7.10
C ILE A 367 6.43 -7.40 -6.88
N LYS A 368 6.32 -8.63 -7.37
CA LYS A 368 7.39 -9.61 -7.22
C LYS A 368 8.63 -9.20 -8.00
N ASN A 369 9.79 -9.36 -7.35
CA ASN A 369 11.08 -9.24 -8.01
C ASN A 369 11.30 -7.96 -8.79
N VAL A 370 10.98 -6.83 -8.18
CA VAL A 370 11.45 -5.54 -8.68
C VAL A 370 12.93 -5.47 -8.36
N ASP A 371 13.78 -5.59 -9.38
CA ASP A 371 15.23 -5.61 -9.15
C ASP A 371 15.77 -4.21 -8.85
N ILE A 372 15.35 -3.23 -9.65
CA ILE A 372 15.81 -1.86 -9.50
C ILE A 372 14.63 -0.89 -9.58
N VAL A 373 14.57 0.04 -8.63
CA VAL A 373 13.70 1.21 -8.73
C VAL A 373 14.57 2.39 -9.17
N VAL A 374 14.21 3.02 -10.28
CA VAL A 374 14.93 4.19 -10.77
C VAL A 374 14.09 5.44 -10.54
N ASN A 375 14.63 6.39 -9.79
CA ASN A 375 14.06 7.74 -9.75
C ASN A 375 14.69 8.58 -10.85
N TYR A 376 14.06 8.55 -12.02
CA TYR A 376 14.47 9.38 -13.15
C TYR A 376 14.37 10.85 -12.74
N ASP A 377 13.23 11.18 -12.14
CA ASP A 377 13.06 12.44 -11.42
C ASP A 377 12.89 12.10 -9.95
N LEU A 378 13.70 12.73 -9.09
CA LEU A 378 13.48 12.62 -7.66
C LEU A 378 12.15 13.31 -7.33
N PRO A 379 11.44 12.84 -6.29
CA PRO A 379 10.22 13.54 -5.89
C PRO A 379 10.56 14.79 -5.08
N LYS A 380 9.54 15.60 -4.77
CA LYS A 380 9.74 16.80 -3.96
C LYS A 380 9.71 16.48 -2.47
N SER A 381 9.10 15.35 -2.12
CA SER A 381 8.94 14.94 -0.72
C SER A 381 9.81 13.73 -0.40
N ILE A 382 10.55 13.81 0.71
CA ILE A 382 11.37 12.70 1.18
C ILE A 382 10.50 11.47 1.50
N ASP A 383 9.33 11.69 2.09
CA ASP A 383 8.42 10.57 2.38
C ASP A 383 8.08 9.79 1.12
N GLU A 384 7.74 10.48 0.05
CA GLU A 384 7.43 9.80 -1.20
C GLU A 384 8.66 9.10 -1.80
N TYR A 385 9.85 9.65 -1.58
CA TYR A 385 11.09 8.96 -1.96
C TYR A 385 11.18 7.59 -1.27
N VAL A 386 10.89 7.59 0.03
CA VAL A 386 10.95 6.38 0.85
C VAL A 386 9.93 5.33 0.38
N HIS A 387 8.74 5.78 0.01
CA HIS A 387 7.72 4.89 -0.56
C HIS A 387 8.15 4.30 -1.90
N ARG A 388 8.62 5.16 -2.81
CA ARG A 388 9.08 4.71 -4.13
C ARG A 388 10.16 3.64 -4.05
N ILE A 389 11.22 3.90 -3.29
CA ILE A 389 12.34 2.95 -3.23
C ILE A 389 11.91 1.64 -2.56
N GLY A 390 10.86 1.71 -1.75
CA GLY A 390 10.28 0.53 -1.12
C GLY A 390 9.50 -0.41 -2.02
N ARG A 391 9.38 -0.09 -3.32
CA ARG A 391 8.78 -1.03 -4.28
C ARG A 391 9.70 -2.25 -4.49
N THR A 392 10.98 -2.08 -4.17
CA THR A 392 11.94 -3.17 -4.15
C THR A 392 12.36 -3.42 -2.70
N GLY A 393 13.10 -4.50 -2.48
CA GLY A 393 13.63 -4.83 -1.15
C GLY A 393 12.56 -5.13 -0.12
N ARG A 394 11.59 -5.96 -0.49
CA ARG A 394 10.45 -6.23 0.39
C ARG A 394 10.55 -7.61 1.04
N VAL A 395 9.89 -7.74 2.18
CA VAL A 395 9.79 -9.01 2.93
C VAL A 395 11.14 -9.64 3.24
N GLY A 396 12.16 -8.81 3.48
CA GLY A 396 13.49 -9.32 3.80
C GLY A 396 14.37 -9.65 2.59
N ASN A 397 13.86 -9.42 1.39
CA ASN A 397 14.66 -9.55 0.17
C ASN A 397 15.43 -8.28 -0.06
N ARG A 398 16.60 -8.38 -0.67
CA ARG A 398 17.40 -7.20 -0.95
C ARG A 398 16.98 -6.56 -2.27
N GLY A 399 17.04 -5.24 -2.32
CA GLY A 399 16.67 -4.48 -3.50
C GLY A 399 17.66 -3.37 -3.78
N LYS A 400 17.47 -2.70 -4.92
CA LYS A 400 18.35 -1.63 -5.34
C LYS A 400 17.53 -0.46 -5.87
N ALA A 401 17.88 0.74 -5.45
CA ALA A 401 17.31 1.97 -5.99
C ALA A 401 18.43 2.86 -6.54
N VAL A 402 18.28 3.29 -7.80
CA VAL A 402 19.22 4.24 -8.40
C VAL A 402 18.47 5.53 -8.71
N SER A 403 18.93 6.62 -8.10
CA SER A 403 18.26 7.92 -8.22
C SER A 403 19.11 8.93 -8.99
N PHE A 404 18.52 9.57 -9.98
CA PHE A 404 19.20 10.63 -10.72
C PHE A 404 19.05 11.94 -9.95
N TYR A 405 20.17 12.55 -9.56
CA TYR A 405 20.15 13.79 -8.79
C TYR A 405 20.55 14.98 -9.65
N ASP A 406 19.65 15.95 -9.78
CA ASP A 406 19.89 17.18 -10.51
C ASP A 406 19.81 18.36 -9.54
N SER A 407 20.97 18.92 -9.20
CA SER A 407 21.05 20.02 -8.23
C SER A 407 20.12 21.19 -8.56
N ASP A 408 19.93 21.48 -9.85
CA ASP A 408 19.02 22.55 -10.28
C ASP A 408 17.56 22.30 -9.85
N GLN A 409 17.18 21.03 -9.76
CA GLN A 409 15.82 20.64 -9.35
C GLN A 409 15.71 20.10 -7.91
N ASP A 410 16.76 19.45 -7.42
CA ASP A 410 16.67 18.59 -6.23
C ASP A 410 17.48 19.05 -5.02
N LEU A 411 18.11 20.22 -5.10
CA LEU A 411 18.97 20.71 -4.03
C LEU A 411 18.27 20.77 -2.67
N ALA A 412 17.01 21.20 -2.67
CA ALA A 412 16.26 21.35 -1.41
C ALA A 412 16.08 20.02 -0.66
N LEU A 413 16.14 18.91 -1.38
CA LEU A 413 15.94 17.58 -0.80
C LEU A 413 17.19 16.99 -0.15
N VAL A 414 18.35 17.64 -0.31
CA VAL A 414 19.64 17.06 0.09
C VAL A 414 19.72 16.73 1.58
N ALA A 415 19.35 17.66 2.45
CA ALA A 415 19.36 17.43 3.90
C ALA A 415 18.53 16.21 4.29
N ASP A 416 17.32 16.10 3.72
CA ASP A 416 16.45 14.97 4.01
C ASP A 416 16.99 13.65 3.44
N LEU A 417 17.58 13.68 2.23
CA LEU A 417 18.19 12.48 1.66
C LEU A 417 19.37 11.99 2.51
N SER A 418 20.23 12.92 2.91
CA SER A 418 21.40 12.56 3.72
C SER A 418 20.98 11.92 5.04
N LYS A 419 19.91 12.43 5.66
CA LYS A 419 19.37 11.85 6.89
C LYS A 419 18.88 10.42 6.64
N ILE A 420 18.06 10.24 5.60
CA ILE A 420 17.53 8.92 5.25
C ILE A 420 18.65 7.91 5.01
N LEU A 421 19.69 8.34 4.30
CA LEU A 421 20.83 7.46 3.99
C LEU A 421 21.61 7.07 5.23
N ARG A 422 21.92 8.07 6.07
CA ARG A 422 22.67 7.83 7.31
C ARG A 422 21.90 6.90 8.27
N GLN A 423 20.61 7.16 8.44
CA GLN A 423 19.75 6.29 9.26
C GLN A 423 19.77 4.84 8.78
N ALA A 424 19.76 4.65 7.46
CA ALA A 424 19.73 3.31 6.86
C ALA A 424 21.12 2.73 6.60
N ASP A 425 22.16 3.40 7.09
CA ASP A 425 23.55 2.97 6.91
C ASP A 425 23.94 2.77 5.45
N GLN A 426 23.50 3.71 4.62
CA GLN A 426 23.83 3.73 3.20
C GLN A 426 24.91 4.77 2.95
N SER A 427 25.56 4.67 1.78
CA SER A 427 26.61 5.61 1.40
C SER A 427 26.03 6.99 1.10
N VAL A 428 26.71 8.04 1.58
CA VAL A 428 26.33 9.41 1.27
C VAL A 428 27.35 9.95 0.26
N PRO A 429 26.96 10.11 -1.02
CA PRO A 429 27.94 10.64 -1.98
C PRO A 429 28.29 12.10 -1.71
N ASP A 430 29.46 12.53 -2.17
CA ASP A 430 29.97 13.87 -1.86
C ASP A 430 28.99 14.99 -2.22
N PHE A 431 28.27 14.82 -3.32
CA PHE A 431 27.30 15.83 -3.77
C PHE A 431 26.00 15.92 -2.92
N LEU A 432 25.83 15.04 -1.93
CA LEU A 432 24.69 15.12 -1.02
C LEU A 432 25.11 15.44 0.43
N LYS A 433 26.33 15.94 0.61
CA LYS A 433 26.85 16.25 1.94
C LYS A 433 26.72 17.74 2.27
#